data_9BI0
#
_entry.id   9BI0
#
_cell.length_a   1.00
_cell.length_b   1.00
_cell.length_c   1.00
_cell.angle_alpha   90.00
_cell.angle_beta   90.00
_cell.angle_gamma   90.00
#
_symmetry.space_group_name_H-M   'P 1'
#
loop_
_entity.id
_entity.type
_entity.pdbx_description
1 polymer 'Nucleotide-binding protein'
2 non-polymer 'CALCIUM ION'
#
_entity_poly.entity_id   1
_entity_poly.type   'polypeptide(L)'
_entity_poly.pdbx_seq_one_letter_code
;MTVDSTSEARLEVPRQSSLGTAAARNLASTTKSAPQMQEITSRWLLRMLPWVETKGGAYRVNRRLTFTVGDGRVEFVQDG
STVRVIPQELGELALLRDFDDAEVLSAIADRCVQRDFRAGETLVERGTAADELHLIAHGRIGQASAGSYGDEVTLDVLAD
GDRFGEHALLDEDARWSQTATAETSGTLLTLSRADFAAVVANSPALRSHLAAFTARSEQRQNHRGEAEIAMSAGHVGEHE
LPGAFADYELKPREYELSVAQTILRVHTRVADLYNGPMNQTEEQLRLTIEALRERQEHELINNREFGLLHNADFKQRIQT
HSGPPTPDDLDELLCRRRGTKFFLAHPRTIAAMGREFNARGLYPDHTDLGGQQVPAWRGVPILPCGKIPITPERTSSILA
LRTGEEDQGVIGLRQTGLPDEYEPGLSVRFMNIDEKAIISYLVSTYYSAAILVPDAVGVLENVQIANWPR
;
_entity_poly.pdbx_strand_id   A
#
loop_
_chem_comp.id
_chem_comp.type
_chem_comp.name
_chem_comp.formula
CA non-polymer 'CALCIUM ION' 'Ca 2'
#
# COMPACT_ATOMS: atom_id res chain seq x y z
N ILE A 40 -19.37 15.66 -1.52
CA ILE A 40 -20.72 15.74 -0.99
C ILE A 40 -21.14 14.39 -0.41
N THR A 41 -20.30 13.38 -0.67
CA THR A 41 -20.55 12.02 -0.20
C THR A 41 -20.12 11.88 1.26
N SER A 42 -20.52 10.76 1.87
CA SER A 42 -20.13 10.51 3.25
C SER A 42 -18.65 10.16 3.30
N ARG A 43 -17.95 10.74 4.25
CA ARG A 43 -16.50 10.53 4.41
C ARG A 43 -16.22 9.77 5.70
N TRP A 44 -16.27 8.44 5.63
CA TRP A 44 -16.11 7.60 6.81
C TRP A 44 -14.68 7.58 7.33
N LEU A 45 -13.69 7.55 6.44
CA LEU A 45 -12.30 7.49 6.87
C LEU A 45 -11.89 8.77 7.57
N LEU A 46 -12.40 9.91 7.12
CA LEU A 46 -12.09 11.18 7.76
C LEU A 46 -12.63 11.24 9.18
N ARG A 47 -13.84 10.71 9.40
CA ARG A 47 -14.45 10.82 10.72
C ARG A 47 -14.14 9.64 11.63
N MET A 48 -13.49 8.59 11.12
CA MET A 48 -13.15 7.48 12.01
C MET A 48 -11.68 7.43 12.40
N LEU A 49 -10.78 7.89 11.55
CA LEU A 49 -9.35 7.85 11.90
C LEU A 49 -9.04 8.93 12.92
N PRO A 50 -8.46 8.57 14.07
CA PRO A 50 -8.00 9.60 15.01
C PRO A 50 -6.87 10.43 14.42
N TRP A 51 -6.87 11.72 14.76
CA TRP A 51 -5.92 12.67 14.23
C TRP A 51 -4.96 13.12 15.34
N VAL A 52 -3.66 12.98 15.09
CA VAL A 52 -2.65 13.39 16.06
C VAL A 52 -1.86 14.56 15.49
N GLU A 53 -1.40 15.42 16.39
CA GLU A 53 -0.70 16.65 16.02
C GLU A 53 0.79 16.41 15.92
N THR A 54 1.35 16.54 14.72
CA THR A 54 2.78 16.43 14.51
C THR A 54 3.46 17.76 14.78
N LYS A 55 4.74 17.69 15.17
CA LYS A 55 5.55 18.87 15.44
C LYS A 55 6.58 19.04 14.34
N GLY A 56 6.56 20.20 13.69
CA GLY A 56 7.45 20.47 12.57
C GLY A 56 7.06 19.82 11.28
N GLY A 57 5.83 19.33 11.17
CA GLY A 57 5.39 18.64 9.97
C GLY A 57 6.11 17.35 9.68
N ALA A 58 6.48 16.60 10.72
CA ALA A 58 7.17 15.34 10.52
C ALA A 58 6.87 14.40 11.67
N TYR A 59 6.93 13.10 11.40
CA TYR A 59 6.68 12.07 12.39
C TYR A 59 7.69 10.95 12.22
N ARG A 60 7.97 10.24 13.32
CA ARG A 60 8.96 9.16 13.33
C ARG A 60 8.31 7.91 13.90
N VAL A 61 8.44 6.79 13.20
CA VAL A 61 7.91 5.51 13.63
C VAL A 61 9.05 4.49 13.72
N ASN A 62 9.20 3.87 14.88
CA ASN A 62 10.27 2.92 15.11
C ASN A 62 9.81 1.52 14.70
N ARG A 63 10.56 0.92 13.78
CA ARG A 63 10.18 -0.38 13.22
C ARG A 63 11.15 -1.47 13.65
N ARG A 64 10.60 -2.58 14.15
CA ARG A 64 11.31 -3.82 14.37
C ARG A 64 10.98 -4.80 13.25
N LEU A 65 12.01 -5.36 12.61
CA LEU A 65 11.82 -6.29 11.50
C LEU A 65 12.47 -7.63 11.83
N THR A 66 11.72 -8.52 12.48
CA THR A 66 12.23 -9.84 12.82
C THR A 66 12.29 -10.72 11.58
N PHE A 67 13.44 -11.36 11.38
CA PHE A 67 13.61 -12.26 10.25
C PHE A 67 14.64 -13.31 10.57
N THR A 68 14.42 -14.55 10.13
CA THR A 68 15.36 -15.66 10.36
C THR A 68 15.86 -16.24 9.06
N VAL A 69 17.11 -16.67 9.03
CA VAL A 69 17.68 -17.15 7.80
C VAL A 69 17.56 -18.65 7.66
N GLY A 70 17.44 -19.12 6.44
CA GLY A 70 17.34 -20.55 6.19
C GLY A 70 15.95 -21.07 5.96
N ASP A 71 14.93 -20.24 6.11
CA ASP A 71 13.56 -20.75 6.05
C ASP A 71 12.99 -20.74 4.64
N GLY A 72 13.79 -20.37 3.63
CA GLY A 72 13.37 -20.40 2.24
C GLY A 72 12.61 -19.19 1.74
N ARG A 73 12.39 -18.19 2.60
CA ARG A 73 11.67 -16.99 2.22
C ARG A 73 12.59 -15.81 2.50
N VAL A 74 12.60 -14.85 1.58
CA VAL A 74 13.41 -13.65 1.71
C VAL A 74 12.47 -12.56 2.20
N GLU A 75 12.90 -11.85 3.24
CA GLU A 75 12.12 -10.77 3.83
C GLU A 75 12.62 -9.43 3.29
N PHE A 76 11.68 -8.51 3.08
CA PHE A 76 11.96 -7.21 2.49
C PHE A 76 11.57 -6.09 3.45
N VAL A 77 12.13 -4.92 3.19
CA VAL A 77 11.77 -3.68 3.87
C VAL A 77 10.93 -2.85 2.90
N GLN A 78 9.73 -2.49 3.33
CA GLN A 78 8.79 -1.76 2.48
C GLN A 78 8.53 -0.39 3.06
N ASP A 79 8.66 0.63 2.20
CA ASP A 79 8.37 2.02 2.51
C ASP A 79 7.32 2.49 1.51
N GLY A 80 6.05 2.21 1.81
CA GLY A 80 4.99 2.48 0.88
C GLY A 80 5.02 1.51 -0.26
N SER A 81 5.34 2.05 -1.43
CA SER A 81 5.43 1.30 -2.66
C SER A 81 6.86 0.98 -3.04
N THR A 82 7.85 1.51 -2.31
CA THR A 82 9.25 1.22 -2.61
C THR A 82 9.74 0.11 -1.67
N VAL A 83 10.37 -0.90 -2.24
CA VAL A 83 10.76 -2.07 -1.47
C VAL A 83 12.24 -2.36 -1.71
N ARG A 84 12.89 -2.94 -0.70
CA ARG A 84 14.30 -3.28 -0.82
C ARG A 84 14.62 -4.48 0.04
N VAL A 85 15.46 -5.37 -0.48
CA VAL A 85 15.74 -6.63 0.20
C VAL A 85 16.62 -6.39 1.41
N ILE A 86 16.32 -7.09 2.50
CA ILE A 86 17.17 -7.03 3.70
C ILE A 86 18.54 -7.62 3.36
N PRO A 87 19.63 -6.91 3.66
CA PRO A 87 20.97 -7.44 3.28
C PRO A 87 21.31 -8.79 3.89
N GLN A 88 20.92 -9.03 5.14
CA GLN A 88 21.19 -10.32 5.77
C GLN A 88 20.36 -11.44 5.15
N GLU A 89 19.10 -11.17 4.84
CA GLU A 89 18.26 -12.16 4.18
C GLU A 89 18.86 -12.60 2.86
N LEU A 90 19.60 -11.71 2.22
CA LEU A 90 20.19 -12.02 0.92
C LEU A 90 21.09 -13.23 1.00
N GLY A 91 21.46 -13.65 2.21
CA GLY A 91 22.35 -14.77 2.35
C GLY A 91 21.67 -16.10 2.11
N GLU A 92 20.33 -16.14 2.07
CA GLU A 92 19.67 -17.41 1.76
C GLU A 92 20.09 -17.99 0.42
N LEU A 93 20.55 -17.15 -0.51
CA LEU A 93 21.05 -17.65 -1.79
C LEU A 93 22.29 -18.51 -1.56
N ALA A 94 22.31 -19.69 -2.20
CA ALA A 94 23.42 -20.60 -1.99
C ALA A 94 24.74 -19.96 -2.42
N LEU A 95 24.79 -19.43 -3.65
CA LEU A 95 26.00 -18.80 -4.17
C LEU A 95 26.51 -17.66 -3.29
N LEU A 96 25.76 -17.27 -2.26
CA LEU A 96 26.16 -16.24 -1.33
C LEU A 96 26.07 -16.72 0.11
N ARG A 97 25.86 -18.01 0.33
CA ARG A 97 25.78 -18.56 1.68
C ARG A 97 27.10 -18.37 2.41
N ASP A 98 27.01 -18.14 3.72
CA ASP A 98 28.14 -18.04 4.65
C ASP A 98 28.96 -16.76 4.47
N PHE A 99 28.62 -15.95 3.47
CA PHE A 99 29.22 -14.62 3.36
C PHE A 99 28.52 -13.64 4.29
N ASP A 100 29.27 -13.09 5.25
CA ASP A 100 28.67 -12.28 6.30
C ASP A 100 29.45 -10.98 6.48
N ASP A 101 29.79 -10.31 5.37
CA ASP A 101 30.40 -8.98 5.43
C ASP A 101 29.28 -7.97 5.21
N ALA A 102 29.02 -7.14 6.22
CA ALA A 102 27.89 -6.24 6.18
C ALA A 102 27.97 -5.24 5.02
N GLU A 103 29.18 -4.73 4.76
CA GLU A 103 29.36 -3.76 3.69
C GLU A 103 28.99 -4.35 2.34
N VAL A 104 29.50 -5.56 2.06
CA VAL A 104 29.28 -6.18 0.76
C VAL A 104 27.80 -6.50 0.57
N LEU A 105 27.17 -7.11 1.58
CA LEU A 105 25.76 -7.44 1.49
C LEU A 105 24.92 -6.19 1.29
N SER A 106 25.26 -5.11 2.01
CA SER A 106 24.52 -3.86 1.85
C SER A 106 24.66 -3.32 0.44
N ALA A 107 25.87 -3.39 -0.12
CA ALA A 107 26.08 -2.93 -1.49
C ALA A 107 25.27 -3.75 -2.48
N ILE A 108 25.31 -5.08 -2.32
CA ILE A 108 24.57 -5.96 -3.25
C ILE A 108 23.08 -5.68 -3.17
N ALA A 109 22.57 -5.51 -1.94
CA ALA A 109 21.16 -5.20 -1.74
C ALA A 109 20.79 -3.87 -2.40
N ASP A 110 21.67 -2.88 -2.30
CA ASP A 110 21.44 -1.59 -2.91
C ASP A 110 21.40 -1.62 -4.44
N ARG A 111 22.07 -2.57 -5.08
CA ARG A 111 22.19 -2.61 -6.53
C ARG A 111 21.10 -3.41 -7.24
N CYS A 112 20.02 -3.81 -6.55
CA CYS A 112 18.89 -4.43 -7.23
C CYS A 112 17.83 -3.39 -7.60
N VAL A 113 17.02 -3.73 -8.60
CA VAL A 113 16.02 -2.81 -9.14
C VAL A 113 14.64 -3.40 -8.94
N GLN A 114 13.71 -2.55 -8.47
CA GLN A 114 12.33 -2.95 -8.22
C GLN A 114 11.50 -2.76 -9.49
N ARG A 115 10.67 -3.75 -9.80
CA ARG A 115 9.79 -3.72 -10.96
C ARG A 115 8.39 -4.19 -10.55
N ASP A 116 7.38 -3.66 -11.22
CA ASP A 116 6.00 -4.03 -10.94
C ASP A 116 5.43 -4.76 -12.15
N PHE A 117 4.59 -5.76 -11.89
CA PHE A 117 3.96 -6.54 -12.95
C PHE A 117 2.46 -6.60 -12.72
N ARG A 118 1.69 -6.48 -13.80
CA ARG A 118 0.24 -6.55 -13.73
C ARG A 118 -0.22 -7.99 -13.97
N ALA A 119 -1.49 -8.24 -13.67
CA ALA A 119 -2.05 -9.57 -13.89
C ALA A 119 -2.06 -9.92 -15.37
N GLY A 120 -1.64 -11.15 -15.69
CA GLY A 120 -1.61 -11.63 -17.04
C GLY A 120 -0.42 -11.20 -17.87
N GLU A 121 0.50 -10.43 -17.31
CA GLU A 121 1.66 -9.97 -18.06
C GLU A 121 2.76 -11.02 -18.01
N THR A 122 3.38 -11.29 -19.16
CA THR A 122 4.46 -12.26 -19.21
C THR A 122 5.78 -11.55 -18.96
N LEU A 123 6.52 -12.02 -17.96
CA LEU A 123 7.81 -11.44 -17.58
C LEU A 123 8.98 -12.09 -18.30
N VAL A 124 9.06 -13.42 -18.33
CA VAL A 124 10.12 -14.13 -19.03
C VAL A 124 9.46 -15.16 -19.93
N GLU A 125 10.15 -15.54 -20.99
CA GLU A 125 9.63 -16.49 -21.98
C GLU A 125 10.62 -17.62 -22.18
N ARG A 126 10.09 -18.81 -22.45
CA ARG A 126 10.94 -19.98 -22.66
C ARG A 126 11.79 -19.77 -23.90
N GLY A 127 13.06 -20.16 -23.80
CA GLY A 127 13.99 -20.01 -24.90
C GLY A 127 14.90 -18.81 -24.77
N THR A 128 14.39 -17.70 -24.23
CA THR A 128 15.18 -16.50 -24.02
C THR A 128 16.25 -16.75 -22.97
N ALA A 129 17.46 -16.27 -23.25
CA ALA A 129 18.58 -16.45 -22.33
C ALA A 129 18.31 -15.76 -21.00
N ALA A 130 18.70 -16.43 -19.91
CA ALA A 130 18.49 -15.93 -18.57
C ALA A 130 19.65 -15.02 -18.15
N ASP A 131 19.33 -13.80 -17.71
CA ASP A 131 20.37 -12.86 -17.32
C ASP A 131 20.00 -12.12 -16.03
N GLU A 132 18.87 -12.45 -15.42
CA GLU A 132 18.39 -11.74 -14.25
C GLU A 132 17.94 -12.71 -13.16
N LEU A 133 18.26 -12.37 -11.91
CA LEU A 133 17.74 -13.08 -10.75
C LEU A 133 16.51 -12.34 -10.24
N HIS A 134 15.39 -13.04 -10.12
CA HIS A 134 14.14 -12.45 -9.70
C HIS A 134 13.72 -12.93 -8.32
N LEU A 135 13.58 -12.00 -7.39
CA LEU A 135 13.07 -12.27 -6.06
C LEU A 135 11.65 -11.73 -5.96
N ILE A 136 10.70 -12.59 -5.62
CA ILE A 136 9.29 -12.22 -5.57
C ILE A 136 8.98 -11.55 -4.24
N ALA A 137 8.49 -10.32 -4.31
CA ALA A 137 8.05 -9.61 -3.11
C ALA A 137 6.55 -9.67 -2.88
N HIS A 138 5.74 -9.71 -3.94
CA HIS A 138 4.30 -9.84 -3.79
C HIS A 138 3.72 -10.45 -5.05
N GLY A 139 2.52 -10.98 -4.93
CA GLY A 139 1.80 -11.58 -6.05
C GLY A 139 2.17 -13.03 -6.28
N ARG A 140 1.39 -13.68 -7.14
CA ARG A 140 1.59 -15.08 -7.49
C ARG A 140 1.85 -15.19 -8.99
N ILE A 141 2.83 -16.01 -9.36
CA ILE A 141 3.25 -16.16 -10.74
C ILE A 141 3.32 -17.64 -11.09
N GLY A 142 2.51 -18.07 -12.05
CA GLY A 142 2.47 -19.46 -12.45
C GLY A 142 3.48 -19.71 -13.57
N GLN A 143 4.33 -20.72 -13.36
CA GLN A 143 5.36 -21.05 -14.35
C GLN A 143 4.94 -22.31 -15.11
N ALA A 144 4.84 -22.18 -16.42
CA ALA A 144 4.50 -23.26 -17.33
C ALA A 144 5.73 -23.70 -18.11
N SER A 145 6.15 -24.94 -17.89
CA SER A 145 7.33 -25.48 -18.55
C SER A 145 6.92 -26.07 -19.90
N ALA A 146 7.84 -26.78 -20.54
CA ALA A 146 7.56 -27.40 -21.83
C ALA A 146 6.71 -28.66 -21.66
N VAL A 153 3.53 -27.96 -19.60
CA VAL A 153 3.40 -28.53 -18.27
C VAL A 153 3.61 -27.46 -17.22
N THR A 154 2.51 -26.92 -16.68
CA THR A 154 2.57 -25.90 -15.65
C THR A 154 3.14 -26.51 -14.36
N LEU A 155 4.39 -26.17 -14.05
CA LEU A 155 5.05 -26.77 -12.89
C LEU A 155 4.33 -26.40 -11.60
N ASP A 156 4.35 -25.12 -11.23
CA ASP A 156 3.76 -24.66 -9.98
C ASP A 156 3.60 -23.14 -10.07
N VAL A 157 3.29 -22.53 -8.93
CA VAL A 157 3.08 -21.09 -8.83
C VAL A 157 3.96 -20.55 -7.71
N LEU A 158 4.91 -19.68 -8.05
CA LEU A 158 5.71 -19.01 -7.04
C LEU A 158 4.92 -17.87 -6.42
N ALA A 159 5.30 -17.52 -5.19
CA ALA A 159 4.57 -16.51 -4.42
C ALA A 159 5.54 -15.59 -3.70
N ASP A 160 5.03 -14.81 -2.74
CA ASP A 160 5.87 -13.86 -2.02
C ASP A 160 7.01 -14.58 -1.32
N GLY A 161 8.22 -14.03 -1.45
CA GLY A 161 9.40 -14.60 -0.85
C GLY A 161 10.08 -15.68 -1.66
N ASP A 162 9.58 -16.00 -2.84
CA ASP A 162 10.17 -17.02 -3.69
C ASP A 162 11.22 -16.40 -4.60
N ARG A 163 12.09 -17.26 -5.13
CA ARG A 163 13.17 -16.84 -6.01
C ARG A 163 13.19 -17.75 -7.23
N PHE A 164 13.49 -17.15 -8.39
CA PHE A 164 13.76 -17.93 -9.58
C PHE A 164 14.71 -17.16 -10.48
N GLY A 165 15.69 -17.88 -11.02
CA GLY A 165 16.80 -17.27 -11.70
C GLY A 165 18.13 -17.36 -11.00
N GLU A 166 18.31 -18.34 -10.10
CA GLU A 166 19.57 -18.47 -9.39
C GLU A 166 20.71 -18.71 -10.36
N HIS A 167 20.64 -19.81 -11.13
CA HIS A 167 21.75 -20.21 -12.01
C HIS A 167 22.08 -19.16 -13.05
N ALA A 168 21.13 -18.26 -13.39
CA ALA A 168 21.41 -17.23 -14.36
C ALA A 168 22.52 -16.29 -13.92
N LEU A 169 22.77 -16.22 -12.61
CA LEU A 169 23.76 -15.30 -12.06
C LEU A 169 25.19 -15.72 -12.39
N LEU A 170 25.49 -17.02 -12.32
CA LEU A 170 26.88 -17.46 -12.46
C LEU A 170 27.32 -17.58 -13.91
N ASP A 171 26.67 -18.43 -14.69
CA ASP A 171 27.12 -18.72 -16.05
C ASP A 171 26.31 -17.94 -17.07
N GLU A 172 26.91 -17.75 -18.25
CA GLU A 172 26.27 -17.02 -19.34
C GLU A 172 25.50 -17.92 -20.28
N ASP A 173 25.56 -19.24 -20.07
CA ASP A 173 24.88 -20.20 -20.92
C ASP A 173 23.42 -20.35 -20.48
N ALA A 174 23.05 -19.77 -19.35
CA ALA A 174 21.73 -19.97 -18.75
C ALA A 174 20.61 -19.54 -19.69
N ARG A 175 19.57 -20.38 -19.77
CA ARG A 175 18.45 -20.16 -20.66
C ARG A 175 17.16 -20.46 -19.91
N TRP A 176 16.16 -19.61 -20.12
CA TRP A 176 14.85 -19.78 -19.50
C TRP A 176 14.15 -20.98 -20.11
N SER A 177 13.84 -21.98 -19.28
CA SER A 177 13.14 -23.17 -19.74
C SER A 177 11.67 -23.19 -19.31
N GLN A 178 11.20 -22.16 -18.60
CA GLN A 178 9.81 -22.07 -18.19
C GLN A 178 9.31 -20.66 -18.48
N THR A 179 8.01 -20.54 -18.74
CA THR A 179 7.39 -19.25 -18.96
C THR A 179 6.63 -18.84 -17.71
N ALA A 180 6.95 -17.67 -17.18
CA ALA A 180 6.35 -17.18 -15.94
C ALA A 180 5.27 -16.17 -16.28
N THR A 181 4.01 -16.52 -16.02
CA THR A 181 2.88 -15.65 -16.25
C THR A 181 2.36 -15.15 -14.91
N ALA A 182 2.22 -13.84 -14.79
CA ALA A 182 1.79 -13.21 -13.53
C ALA A 182 0.27 -13.32 -13.43
N GLU A 183 -0.20 -14.18 -12.53
CA GLU A 183 -1.63 -14.33 -12.33
C GLU A 183 -2.20 -13.15 -11.55
N THR A 184 -1.39 -12.53 -10.70
CA THR A 184 -1.81 -11.39 -9.88
C THR A 184 -0.76 -10.30 -9.95
N SER A 185 -1.21 -9.06 -9.88
CA SER A 185 -0.32 -7.91 -9.86
C SER A 185 0.55 -7.91 -8.60
N GLY A 186 1.79 -7.49 -8.76
CA GLY A 186 2.71 -7.47 -7.63
C GLY A 186 4.02 -6.83 -8.00
N THR A 187 4.96 -6.90 -7.06
CA THR A 187 6.30 -6.36 -7.25
C THR A 187 7.33 -7.47 -7.28
N LEU A 188 8.54 -7.13 -7.71
CA LEU A 188 9.59 -8.11 -7.93
C LEU A 188 10.93 -7.38 -7.97
N LEU A 189 11.90 -7.88 -7.23
CA LEU A 189 13.25 -7.34 -7.22
C LEU A 189 14.11 -8.09 -8.23
N THR A 190 14.99 -7.36 -8.92
CA THR A 190 15.80 -7.92 -9.99
C THR A 190 17.26 -7.63 -9.68
N LEU A 191 18.09 -8.67 -9.77
CA LEU A 191 19.53 -8.58 -9.59
C LEU A 191 20.21 -9.05 -10.87
N SER A 192 20.83 -8.13 -11.59
CA SER A 192 21.45 -8.47 -12.86
C SER A 192 22.80 -9.17 -12.62
N ARG A 193 23.18 -9.98 -13.61
CA ARG A 193 24.45 -10.72 -13.51
C ARG A 193 25.65 -9.78 -13.54
N ALA A 194 25.59 -8.76 -14.40
CA ALA A 194 26.70 -7.82 -14.53
C ALA A 194 26.94 -7.02 -13.26
N ASP A 195 25.86 -6.57 -12.62
CA ASP A 195 26.03 -5.82 -11.38
C ASP A 195 26.67 -6.67 -10.27
N PHE A 196 26.22 -7.91 -10.12
CA PHE A 196 26.82 -8.79 -9.11
C PHE A 196 28.28 -9.07 -9.44
N ALA A 197 28.58 -9.25 -10.73
CA ALA A 197 29.98 -9.45 -11.13
C ALA A 197 30.83 -8.23 -10.81
N ALA A 198 30.28 -7.03 -11.01
CA ALA A 198 31.00 -5.81 -10.65
C ALA A 198 31.27 -5.76 -9.15
N VAL A 199 30.26 -6.10 -8.35
CA VAL A 199 30.44 -6.10 -6.89
C VAL A 199 31.51 -7.11 -6.49
N VAL A 200 31.52 -8.26 -7.17
CA VAL A 200 32.55 -9.27 -6.91
C VAL A 200 33.92 -8.71 -7.24
N ALA A 201 34.05 -8.03 -8.38
CA ALA A 201 35.33 -7.46 -8.77
C ALA A 201 35.74 -6.30 -7.86
N ASN A 202 34.80 -5.78 -7.06
CA ASN A 202 35.08 -4.72 -6.11
C ASN A 202 35.65 -5.24 -4.79
N SER A 203 35.12 -6.33 -4.24
CA SER A 203 35.50 -6.79 -2.91
C SER A 203 36.38 -8.04 -3.02
N PRO A 204 37.64 -7.97 -2.56
CA PRO A 204 38.50 -9.17 -2.60
C PRO A 204 37.99 -10.32 -1.74
N ALA A 205 37.35 -9.99 -0.62
CA ALA A 205 36.82 -11.02 0.27
C ALA A 205 35.74 -11.84 -0.42
N LEU A 206 34.88 -11.18 -1.20
CA LEU A 206 33.85 -11.87 -1.95
C LEU A 206 34.44 -12.79 -3.01
N ARG A 207 35.52 -12.38 -3.68
CA ARG A 207 36.15 -13.29 -4.64
C ARG A 207 36.61 -14.56 -3.96
N SER A 208 37.30 -14.44 -2.82
CA SER A 208 37.82 -15.62 -2.14
C SER A 208 36.68 -16.50 -1.64
N HIS A 209 35.62 -15.90 -1.09
CA HIS A 209 34.51 -16.72 -0.62
C HIS A 209 33.83 -17.45 -1.78
N LEU A 210 33.64 -16.77 -2.91
CA LEU A 210 33.03 -17.40 -4.07
C LEU A 210 33.90 -18.52 -4.61
N ALA A 211 35.22 -18.29 -4.66
CA ALA A 211 36.13 -19.33 -5.12
C ALA A 211 36.11 -20.54 -4.20
N ALA A 212 36.05 -20.31 -2.88
CA ALA A 212 35.98 -21.43 -1.95
C ALA A 212 34.68 -22.20 -2.12
N PHE A 213 33.55 -21.49 -2.28
CA PHE A 213 32.27 -22.18 -2.42
C PHE A 213 32.20 -22.94 -3.73
N THR A 214 32.80 -22.39 -4.79
CA THR A 214 32.75 -23.00 -6.11
C THR A 214 33.39 -24.38 -6.12
N ALA A 215 34.42 -24.59 -5.30
CA ALA A 215 35.07 -25.89 -5.21
C ALA A 215 34.17 -26.91 -4.53
N ALA A 246 16.48 -15.58 15.06
CA ALA A 246 15.80 -14.30 14.89
C ALA A 246 16.79 -13.14 15.00
N ASP A 247 16.79 -12.30 13.97
CA ASP A 247 17.68 -11.14 13.90
C ASP A 247 16.89 -9.86 14.13
N TYR A 248 17.52 -8.94 14.86
CA TYR A 248 16.96 -7.63 15.17
C TYR A 248 17.55 -6.57 14.25
N GLU A 249 16.70 -5.90 13.48
CA GLU A 249 17.15 -4.84 12.58
C GLU A 249 16.26 -3.63 12.79
N LEU A 250 16.80 -2.57 13.38
CA LEU A 250 16.06 -1.34 13.63
C LEU A 250 16.32 -0.31 12.53
N LYS A 251 15.23 0.21 11.95
CA LYS A 251 15.35 1.27 10.96
C LYS A 251 14.13 2.19 11.01
N PRO A 252 14.29 3.41 11.52
CA PRO A 252 13.14 4.30 11.68
C PRO A 252 12.54 4.72 10.35
N ARG A 253 11.24 4.99 10.35
CA ARG A 253 10.51 5.47 9.19
C ARG A 253 10.03 6.89 9.43
N GLU A 254 10.31 7.78 8.49
CA GLU A 254 9.97 9.20 8.63
C GLU A 254 8.78 9.52 7.73
N TYR A 255 7.77 10.16 8.31
CA TYR A 255 6.58 10.60 7.61
C TYR A 255 6.59 12.12 7.49
N GLU A 256 6.42 12.62 6.28
CA GLU A 256 6.35 14.05 6.00
C GLU A 256 4.93 14.41 5.61
N LEU A 257 4.39 15.47 6.21
CA LEU A 257 3.01 15.88 5.95
C LEU A 257 2.83 16.30 4.50
N SER A 258 1.85 15.69 3.83
CA SER A 258 1.47 16.13 2.49
C SER A 258 0.47 17.28 2.57
N VAL A 259 0.32 17.99 1.46
CA VAL A 259 -0.53 19.19 1.41
C VAL A 259 -1.55 19.04 0.30
N ALA A 260 -2.80 19.36 0.61
CA ALA A 260 -3.87 19.57 -0.36
C ALA A 260 -4.11 21.07 -0.46
N GLN A 261 -3.80 21.64 -1.62
CA GLN A 261 -3.83 23.08 -1.83
C GLN A 261 -4.70 23.41 -3.03
N THR A 262 -5.31 24.59 -3.01
CA THR A 262 -6.05 25.08 -4.16
C THR A 262 -6.14 26.60 -4.10
N ILE A 263 -6.45 27.18 -5.26
CA ILE A 263 -6.64 28.62 -5.41
C ILE A 263 -8.08 28.89 -5.79
N LEU A 264 -8.76 29.69 -4.98
CA LEU A 264 -10.15 30.10 -5.21
C LEU A 264 -10.15 31.51 -5.79
N ARG A 265 -10.62 31.65 -7.02
CA ARG A 265 -10.68 32.95 -7.70
C ARG A 265 -12.11 33.48 -7.63
N VAL A 266 -12.30 34.59 -6.91
CA VAL A 266 -13.59 35.23 -6.73
C VAL A 266 -13.53 36.61 -7.36
N HIS A 267 -14.44 36.91 -8.28
CA HIS A 267 -14.46 38.23 -8.87
C HIS A 267 -14.85 39.28 -7.82
N THR A 268 -14.29 40.49 -7.96
CA THR A 268 -14.51 41.53 -6.97
C THR A 268 -15.97 41.96 -6.91
N ARG A 269 -16.65 41.95 -8.05
CA ARG A 269 -18.07 42.30 -8.06
C ARG A 269 -18.89 41.31 -7.24
N VAL A 270 -18.57 40.02 -7.36
CA VAL A 270 -19.29 39.00 -6.60
C VAL A 270 -19.02 39.14 -5.11
N ALA A 271 -17.88 39.71 -4.74
CA ALA A 271 -17.58 39.92 -3.32
C ALA A 271 -18.15 41.24 -2.80
N ASP A 272 -18.43 42.20 -3.69
CA ASP A 272 -18.93 43.50 -3.27
C ASP A 272 -20.45 43.55 -3.18
N LEU A 273 -21.15 42.89 -4.10
CA LEU A 273 -22.61 42.98 -4.20
C LEU A 273 -23.29 41.80 -3.51
N TYR A 274 -22.94 40.58 -3.92
CA TYR A 274 -23.60 39.36 -3.45
C TYR A 274 -23.02 39.00 -2.08
N ASN A 275 -23.36 39.82 -1.09
CA ASN A 275 -22.85 39.60 0.25
C ASN A 275 -23.86 39.88 1.36
N GLY A 276 -25.11 40.21 1.05
CA GLY A 276 -26.05 40.58 2.08
C GLY A 276 -26.83 39.44 2.72
N PRO A 277 -27.66 38.76 1.93
CA PRO A 277 -28.44 37.62 2.45
C PRO A 277 -27.72 36.28 2.47
N MET A 278 -26.80 36.07 1.53
CA MET A 278 -25.92 34.91 1.55
C MET A 278 -24.64 35.26 0.83
N ASN A 279 -23.52 34.68 1.26
CA ASN A 279 -22.24 34.99 0.65
C ASN A 279 -21.89 33.92 -0.38
N GLN A 280 -21.95 34.29 -1.65
CA GLN A 280 -21.50 33.38 -2.70
C GLN A 280 -19.99 33.12 -2.61
N THR A 281 -19.25 34.06 -2.02
CA THR A 281 -17.86 33.78 -1.66
C THR A 281 -17.76 32.68 -0.61
N GLU A 282 -18.59 32.74 0.43
CA GLU A 282 -18.58 31.70 1.45
C GLU A 282 -19.10 30.37 0.90
N GLU A 283 -20.08 30.41 0.00
CA GLU A 283 -20.58 29.18 -0.60
C GLU A 283 -19.52 28.54 -1.50
N GLN A 284 -18.80 29.36 -2.26
CA GLN A 284 -17.70 28.84 -3.07
C GLN A 284 -16.58 28.29 -2.20
N LEU A 285 -16.31 28.94 -1.06
CA LEU A 285 -15.32 28.42 -0.14
C LEU A 285 -15.74 27.07 0.44
N ARG A 286 -17.03 26.92 0.78
CA ARG A 286 -17.48 25.62 1.28
C ARG A 286 -17.34 24.54 0.23
N LEU A 287 -17.68 24.85 -1.02
CA LEU A 287 -17.49 23.88 -2.11
C LEU A 287 -16.01 23.53 -2.27
N THR A 288 -15.14 24.53 -2.17
CA THR A 288 -13.70 24.28 -2.23
C THR A 288 -13.25 23.35 -1.11
N ILE A 289 -13.74 23.57 0.10
CA ILE A 289 -13.37 22.74 1.24
C ILE A 289 -13.84 21.31 1.03
N GLU A 290 -15.06 21.14 0.50
CA GLU A 290 -15.56 19.80 0.23
C GLU A 290 -14.70 19.09 -0.81
N ALA A 291 -14.29 19.80 -1.87
CA ALA A 291 -13.41 19.20 -2.86
C ALA A 291 -12.06 18.82 -2.24
N LEU A 292 -11.54 19.67 -1.36
CA LEU A 292 -10.27 19.36 -0.70
C LEU A 292 -10.40 18.12 0.17
N ARG A 293 -11.52 17.98 0.88
CA ARG A 293 -11.73 16.80 1.72
C ARG A 293 -11.86 15.53 0.88
N GLU A 294 -12.53 15.63 -0.27
CA GLU A 294 -12.61 14.47 -1.16
C GLU A 294 -11.24 14.08 -1.68
N ARG A 295 -10.41 15.07 -2.03
CA ARG A 295 -9.05 14.76 -2.45
C ARG A 295 -8.24 14.16 -1.30
N GLN A 296 -8.47 14.62 -0.08
CA GLN A 296 -7.80 14.04 1.08
C GLN A 296 -8.12 12.57 1.21
N GLU A 297 -9.39 12.20 1.09
CA GLU A 297 -9.76 10.79 1.17
C GLU A 297 -9.16 9.99 0.03
N HIS A 298 -9.23 10.52 -1.20
CA HIS A 298 -8.69 9.78 -2.33
C HIS A 298 -7.20 9.54 -2.17
N GLU A 299 -6.47 10.51 -1.61
CA GLU A 299 -5.04 10.32 -1.40
C GLU A 299 -4.78 9.36 -0.23
N LEU A 300 -5.55 9.47 0.85
CA LEU A 300 -5.38 8.55 1.96
C LEU A 300 -5.60 7.11 1.54
N ILE A 301 -6.45 6.88 0.54
CA ILE A 301 -6.70 5.52 0.07
C ILE A 301 -5.70 5.09 -1.00
N ASN A 302 -5.43 5.95 -2.00
CA ASN A 302 -4.76 5.51 -3.23
C ASN A 302 -3.35 6.04 -3.40
N ASN A 303 -2.85 6.89 -2.51
CA ASN A 303 -1.51 7.43 -2.69
C ASN A 303 -0.46 6.31 -2.56
N ARG A 304 0.70 6.55 -3.16
CA ARG A 304 1.75 5.54 -3.24
C ARG A 304 2.72 5.58 -2.07
N GLU A 305 3.20 6.76 -1.70
CA GLU A 305 4.12 6.86 -0.57
C GLU A 305 3.45 6.42 0.72
N PHE A 306 2.43 7.16 1.15
CA PHE A 306 1.52 6.73 2.20
C PHE A 306 0.20 6.30 1.57
N GLY A 307 -0.64 5.65 2.36
CA GLY A 307 -1.89 5.17 1.78
C GLY A 307 -2.09 3.69 2.06
N LEU A 308 -3.27 3.38 2.61
CA LEU A 308 -3.53 2.05 3.16
C LEU A 308 -3.48 0.96 2.09
N LEU A 309 -3.89 1.28 0.86
CA LEU A 309 -3.90 0.27 -0.18
C LEU A 309 -2.49 -0.18 -0.54
N HIS A 310 -1.54 0.76 -0.61
CA HIS A 310 -0.18 0.44 -1.01
C HIS A 310 0.78 0.29 0.16
N ASN A 311 0.63 1.11 1.19
CA ASN A 311 1.50 1.04 2.37
C ASN A 311 0.94 0.07 3.40
N ALA A 312 0.72 -1.17 2.97
CA ALA A 312 0.29 -2.26 3.83
C ALA A 312 1.23 -3.43 3.67
N ASP A 313 1.48 -4.14 4.77
CA ASP A 313 2.47 -5.22 4.75
C ASP A 313 2.10 -6.29 3.74
N PHE A 314 3.13 -6.81 3.06
CA PHE A 314 2.91 -7.84 2.05
C PHE A 314 2.35 -9.13 2.65
N LYS A 315 2.63 -9.39 3.92
CA LYS A 315 2.06 -10.56 4.58
C LYS A 315 0.61 -10.38 4.97
N GLN A 316 0.16 -9.14 5.17
CA GLN A 316 -1.21 -8.85 5.55
C GLN A 316 -2.18 -8.90 4.38
N ARG A 317 -1.69 -8.94 3.14
CA ARG A 317 -2.53 -8.97 1.96
C ARG A 317 -2.88 -10.41 1.59
N ILE A 318 -4.16 -10.72 1.60
CA ILE A 318 -4.65 -12.08 1.39
C ILE A 318 -5.38 -12.15 0.05
N GLN A 319 -5.50 -13.35 -0.49
CA GLN A 319 -6.26 -13.59 -1.71
C GLN A 319 -7.49 -14.42 -1.38
N THR A 320 -8.60 -14.12 -2.07
CA THR A 320 -9.84 -14.84 -1.85
C THR A 320 -9.69 -16.30 -2.29
N HIS A 321 -10.35 -17.19 -1.55
CA HIS A 321 -10.29 -18.61 -1.88
C HIS A 321 -10.98 -18.91 -3.20
N SER A 322 -12.12 -18.26 -3.45
CA SER A 322 -12.90 -18.51 -4.65
C SER A 322 -13.01 -17.30 -5.58
N GLY A 323 -12.99 -16.08 -5.04
CA GLY A 323 -13.10 -14.90 -5.85
C GLY A 323 -14.21 -13.94 -5.43
N PRO A 324 -15.39 -14.46 -5.09
CA PRO A 324 -16.40 -13.63 -4.44
C PRO A 324 -16.10 -13.48 -2.96
N PRO A 325 -16.56 -12.39 -2.33
CA PRO A 325 -16.26 -12.15 -0.91
C PRO A 325 -17.14 -12.97 0.02
N THR A 326 -16.88 -14.27 0.07
CA THR A 326 -17.63 -15.16 0.93
C THR A 326 -17.33 -14.85 2.40
N PRO A 327 -18.25 -15.17 3.31
CA PRO A 327 -17.99 -14.90 4.73
C PRO A 327 -16.77 -15.62 5.28
N ASP A 328 -16.35 -16.72 4.68
CA ASP A 328 -15.12 -17.38 5.09
C ASP A 328 -13.93 -16.45 4.87
N ASP A 329 -13.94 -15.69 3.78
CA ASP A 329 -12.87 -14.72 3.54
C ASP A 329 -12.85 -13.63 4.60
N LEU A 330 -14.04 -13.18 5.03
CA LEU A 330 -14.09 -12.19 6.10
C LEU A 330 -13.58 -12.77 7.42
N ASP A 331 -13.90 -14.03 7.71
CA ASP A 331 -13.35 -14.66 8.91
C ASP A 331 -11.84 -14.73 8.85
N GLU A 332 -11.29 -15.10 7.69
CA GLU A 332 -9.84 -15.13 7.54
C GLU A 332 -9.23 -13.74 7.71
N LEU A 333 -9.90 -12.72 7.17
CA LEU A 333 -9.41 -11.36 7.30
C LEU A 333 -9.41 -10.91 8.75
N LEU A 334 -10.42 -11.32 9.52
CA LEU A 334 -10.41 -11.03 10.95
C LEU A 334 -9.42 -11.88 11.73
N CYS A 335 -8.98 -13.01 11.17
CA CYS A 335 -8.06 -13.88 11.89
C CYS A 335 -6.66 -13.26 12.03
N ARG A 336 -6.21 -12.51 11.02
CA ARG A 336 -4.81 -12.13 10.93
C ARG A 336 -4.38 -11.04 11.91
N ARG A 337 -5.31 -10.31 12.52
CA ARG A 337 -4.92 -9.24 13.42
C ARG A 337 -5.90 -9.15 14.59
N ARG A 338 -5.41 -8.59 15.69
CA ARG A 338 -6.17 -8.49 16.92
C ARG A 338 -6.87 -7.15 17.02
N GLY A 339 -8.12 -7.17 17.46
CA GLY A 339 -8.87 -5.95 17.68
C GLY A 339 -9.16 -5.14 16.43
N THR A 340 -9.58 -5.80 15.36
CA THR A 340 -9.94 -5.09 14.14
C THR A 340 -11.06 -4.10 14.41
N LYS A 341 -10.91 -2.88 13.89
CA LYS A 341 -11.90 -1.84 14.14
C LYS A 341 -13.02 -1.86 13.12
N PHE A 342 -12.70 -1.83 11.83
CA PHE A 342 -13.77 -1.81 10.84
C PHE A 342 -13.26 -2.28 9.48
N PHE A 343 -14.22 -2.55 8.61
CA PHE A 343 -13.97 -2.89 7.22
C PHE A 343 -14.29 -1.68 6.34
N LEU A 344 -13.48 -1.49 5.31
CA LEU A 344 -13.71 -0.49 4.28
C LEU A 344 -13.82 -1.18 2.94
N ALA A 345 -14.91 -0.91 2.22
CA ALA A 345 -15.12 -1.53 0.91
C ALA A 345 -15.99 -0.62 0.06
N HIS A 346 -15.91 -0.82 -1.25
CA HIS A 346 -16.77 -0.10 -2.17
C HIS A 346 -18.23 -0.53 -1.98
N PRO A 347 -19.18 0.36 -2.22
CA PRO A 347 -20.59 -0.05 -2.13
C PRO A 347 -20.96 -1.22 -3.03
N ARG A 348 -20.34 -1.33 -4.21
CA ARG A 348 -20.53 -2.51 -5.03
C ARG A 348 -20.01 -3.76 -4.32
N THR A 349 -18.88 -3.65 -3.63
CA THR A 349 -18.34 -4.76 -2.86
C THR A 349 -19.29 -5.12 -1.72
N ILE A 350 -19.90 -4.12 -1.08
CA ILE A 350 -20.84 -4.39 0.00
C ILE A 350 -22.07 -5.12 -0.55
N ALA A 351 -22.51 -4.74 -1.75
CA ALA A 351 -23.62 -5.46 -2.38
C ALA A 351 -23.24 -6.91 -2.67
N ALA A 352 -22.01 -7.13 -3.14
CA ALA A 352 -21.56 -8.50 -3.39
C ALA A 352 -21.50 -9.32 -2.10
N MET A 353 -21.02 -8.71 -1.02
CA MET A 353 -21.00 -9.41 0.27
C MET A 353 -22.41 -9.73 0.75
N GLY A 354 -23.35 -8.80 0.56
CA GLY A 354 -24.73 -9.10 0.91
C GLY A 354 -25.31 -10.24 0.08
N ARG A 355 -24.97 -10.28 -1.20
CA ARG A 355 -25.42 -11.39 -2.05
C ARG A 355 -24.85 -12.72 -1.55
N GLU A 356 -23.58 -12.73 -1.16
CA GLU A 356 -23.00 -13.95 -0.59
C GLU A 356 -23.69 -14.34 0.71
N PHE A 357 -23.99 -13.36 1.56
CA PHE A 357 -24.69 -13.67 2.81
C PHE A 357 -26.06 -14.28 2.54
N ASN A 358 -26.79 -13.71 1.58
CA ASN A 358 -28.10 -14.27 1.24
C ASN A 358 -27.98 -15.68 0.67
N ALA A 359 -26.96 -15.92 -0.16
CA ALA A 359 -26.76 -17.26 -0.70
C ALA A 359 -26.46 -18.26 0.42
N ARG A 360 -25.64 -17.87 1.39
CA ARG A 360 -25.34 -18.77 2.50
C ARG A 360 -26.53 -18.93 3.45
N GLY A 361 -27.50 -18.03 3.38
CA GLY A 361 -28.67 -18.09 4.22
C GLY A 361 -28.56 -17.50 5.61
N LEU A 362 -27.52 -16.73 5.92
CA LEU A 362 -27.36 -16.13 7.24
C LEU A 362 -27.54 -14.62 7.14
N TYR A 363 -28.15 -14.05 8.19
CA TYR A 363 -28.46 -12.63 8.25
C TYR A 363 -27.64 -11.97 9.35
N PRO A 364 -26.54 -11.30 9.03
CA PRO A 364 -25.69 -10.72 10.07
C PRO A 364 -26.38 -9.55 10.76
N ASP A 365 -25.99 -9.32 12.01
CA ASP A 365 -26.55 -8.25 12.80
C ASP A 365 -25.97 -6.90 12.38
N HIS A 366 -26.58 -5.83 12.87
CA HIS A 366 -26.15 -4.47 12.62
C HIS A 366 -25.82 -3.80 13.94
N THR A 367 -24.73 -3.04 13.97
CA THR A 367 -24.32 -2.38 15.20
C THR A 367 -24.36 -0.86 15.07
N ASP A 368 -24.38 -0.20 16.22
CA ASP A 368 -24.56 1.24 16.30
C ASP A 368 -23.23 1.89 16.67
N LEU A 369 -22.77 2.81 15.83
CA LEU A 369 -21.63 3.65 16.16
C LEU A 369 -22.06 5.10 16.07
N GLY A 370 -21.80 5.86 17.13
CA GLY A 370 -22.20 7.27 17.14
C GLY A 370 -23.68 7.48 16.97
N GLY A 371 -24.50 6.59 17.52
CA GLY A 371 -25.94 6.66 17.32
C GLY A 371 -26.39 6.38 15.91
N GLN A 372 -25.55 5.74 15.10
CA GLN A 372 -25.87 5.44 13.71
C GLN A 372 -25.75 3.95 13.47
N GLN A 373 -26.81 3.35 12.94
CA GLN A 373 -26.82 1.93 12.64
C GLN A 373 -26.04 1.65 11.37
N VAL A 374 -25.31 0.53 11.37
CA VAL A 374 -24.46 0.18 10.23
C VAL A 374 -24.33 -1.34 10.15
N PRO A 375 -24.32 -1.90 8.95
CA PRO A 375 -24.08 -3.34 8.79
C PRO A 375 -22.73 -3.74 9.35
N ALA A 376 -22.68 -4.94 9.92
CA ALA A 376 -21.45 -5.42 10.55
C ALA A 376 -21.34 -6.91 10.36
N TRP A 377 -20.11 -7.41 10.51
CA TRP A 377 -19.82 -8.84 10.48
C TRP A 377 -19.09 -9.19 11.76
N ARG A 378 -19.65 -10.12 12.53
CA ARG A 378 -19.08 -10.51 13.83
C ARG A 378 -18.93 -9.29 14.74
N GLY A 379 -19.85 -8.34 14.62
CA GLY A 379 -19.82 -7.14 15.42
C GLY A 379 -18.87 -6.06 14.95
N VAL A 380 -18.14 -6.28 13.87
CA VAL A 380 -17.20 -5.31 13.33
C VAL A 380 -17.90 -4.55 12.21
N PRO A 381 -18.13 -3.24 12.36
CA PRO A 381 -18.92 -2.51 11.35
C PRO A 381 -18.22 -2.52 10.00
N ILE A 382 -19.03 -2.53 8.95
CA ILE A 382 -18.53 -2.47 7.57
C ILE A 382 -18.93 -1.12 7.00
N LEU A 383 -17.92 -0.30 6.68
CA LEU A 383 -18.16 1.07 6.25
C LEU A 383 -17.92 1.22 4.76
N PRO A 384 -18.81 1.89 4.04
CA PRO A 384 -18.59 2.09 2.60
C PRO A 384 -17.61 3.20 2.31
N CYS A 385 -16.78 2.98 1.30
CA CYS A 385 -15.83 3.99 0.83
C CYS A 385 -15.79 3.91 -0.68
N GLY A 386 -16.23 4.98 -1.36
CA GLY A 386 -16.23 5.02 -2.81
C GLY A 386 -14.91 5.31 -3.46
N LYS A 387 -13.87 5.61 -2.69
CA LYS A 387 -12.55 5.90 -3.23
C LYS A 387 -11.71 4.66 -3.50
N ILE A 388 -12.20 3.49 -3.12
CA ILE A 388 -11.48 2.24 -3.43
C ILE A 388 -11.71 1.90 -4.90
N PRO A 389 -10.66 1.77 -5.70
CA PRO A 389 -10.84 1.60 -7.15
C PRO A 389 -11.50 0.27 -7.50
N ILE A 390 -12.21 0.28 -8.61
CA ILE A 390 -12.79 -0.92 -9.21
C ILE A 390 -12.07 -1.15 -10.53
N THR A 391 -11.46 -2.32 -10.68
CA THR A 391 -10.71 -2.63 -11.88
C THR A 391 -11.65 -2.90 -13.05
N PRO A 392 -11.16 -2.79 -14.28
CA PRO A 392 -12.01 -3.13 -15.43
C PRO A 392 -12.53 -4.55 -15.40
N GLU A 393 -11.81 -5.48 -14.78
CA GLU A 393 -12.31 -6.84 -14.60
C GLU A 393 -13.33 -6.93 -13.46
N ARG A 394 -13.79 -5.80 -12.94
CA ARG A 394 -14.82 -5.76 -11.91
C ARG A 394 -14.38 -6.48 -10.64
N THR A 395 -13.13 -6.28 -10.26
CA THR A 395 -12.57 -6.83 -9.04
C THR A 395 -12.09 -5.70 -8.14
N SER A 396 -12.49 -5.73 -6.87
CA SER A 396 -12.12 -4.73 -5.89
C SER A 396 -11.37 -5.38 -4.72
N SER A 397 -11.14 -4.61 -3.68
CA SER A 397 -10.43 -5.07 -2.50
C SER A 397 -11.15 -4.58 -1.25
N ILE A 398 -10.93 -5.29 -0.14
CA ILE A 398 -11.53 -4.96 1.15
C ILE A 398 -10.41 -4.70 2.14
N LEU A 399 -10.60 -3.70 3.00
CA LEU A 399 -9.61 -3.32 4.00
C LEU A 399 -10.15 -3.58 5.39
N ALA A 400 -9.41 -4.32 6.21
CA ALA A 400 -9.75 -4.51 7.62
C ALA A 400 -8.68 -3.81 8.45
N LEU A 401 -9.11 -2.85 9.28
CA LEU A 401 -8.10 -2.02 9.94
C LEU A 401 -8.58 -1.58 11.31
N ARG A 402 -7.64 -1.58 12.26
CA ARG A 402 -7.86 -1.08 13.61
C ARG A 402 -7.21 0.29 13.77
N THR A 403 -7.88 1.17 14.50
CA THR A 403 -7.45 2.55 14.67
C THR A 403 -7.14 2.83 16.13
N GLY A 404 -6.06 3.55 16.38
CA GLY A 404 -5.74 3.98 17.72
C GLY A 404 -4.29 4.35 17.87
N GLU A 405 -4.00 5.06 18.96
CA GLU A 405 -2.65 5.43 19.34
C GLU A 405 -2.13 4.62 20.52
N GLU A 406 -2.96 4.42 21.55
CA GLU A 406 -2.55 3.59 22.68
C GLU A 406 -2.43 2.13 22.25
N ASP A 407 -3.31 1.68 21.37
CA ASP A 407 -3.19 0.39 20.71
C ASP A 407 -2.61 0.63 19.33
N GLN A 408 -1.46 0.02 19.05
CA GLN A 408 -0.73 0.29 17.82
C GLN A 408 -1.57 -0.02 16.60
N GLY A 409 -1.98 1.02 15.89
CA GLY A 409 -2.84 0.88 14.72
C GLY A 409 -2.54 1.92 13.66
N VAL A 410 -3.58 2.53 13.12
CA VAL A 410 -3.48 3.53 12.06
C VAL A 410 -3.89 4.88 12.63
N ILE A 411 -3.02 5.88 12.48
CA ILE A 411 -3.31 7.22 12.98
C ILE A 411 -3.24 8.20 11.83
N GLY A 412 -3.96 9.31 11.99
CA GLY A 412 -3.92 10.39 11.04
C GLY A 412 -3.06 11.56 11.49
N LEU A 413 -1.94 11.77 10.83
CA LEU A 413 -1.05 12.88 11.16
C LEU A 413 -1.61 14.16 10.57
N ARG A 414 -1.81 15.17 11.41
CA ARG A 414 -2.39 16.43 10.97
C ARG A 414 -1.95 17.51 11.96
N GLN A 415 -1.58 18.68 11.43
CA GLN A 415 -1.11 19.79 12.23
C GLN A 415 -2.16 20.89 12.28
N THR A 416 -2.58 21.26 13.48
CA THR A 416 -3.53 22.34 13.69
C THR A 416 -2.77 23.58 14.16
N GLY A 417 -3.51 24.61 14.55
CA GLY A 417 -2.89 25.86 14.96
C GLY A 417 -2.18 26.59 13.84
N LEU A 418 -2.76 26.57 12.63
CA LEU A 418 -2.16 27.26 11.50
C LEU A 418 -2.29 28.78 11.67
N PRO A 419 -1.45 29.55 10.97
CA PRO A 419 -1.45 31.01 11.19
C PRO A 419 -2.79 31.67 10.99
N ASP A 420 -3.57 31.22 10.02
CA ASP A 420 -4.87 31.85 9.71
C ASP A 420 -5.85 30.71 9.37
N GLU A 421 -6.60 30.27 10.37
CA GLU A 421 -7.44 29.09 10.24
C GLU A 421 -8.90 29.49 10.06
N TYR A 422 -9.47 29.08 8.92
CA TYR A 422 -10.93 29.08 8.79
C TYR A 422 -11.55 27.90 9.53
N GLU A 423 -10.83 26.78 9.58
CA GLU A 423 -11.20 25.57 10.27
C GLU A 423 -9.96 25.05 11.00
N PRO A 424 -10.13 24.23 12.06
CA PRO A 424 -8.97 23.79 12.85
C PRO A 424 -7.83 23.20 12.03
N GLY A 425 -8.15 22.52 10.94
CA GLY A 425 -7.11 21.96 10.09
C GLY A 425 -6.81 22.74 8.82
N LEU A 426 -7.58 23.78 8.56
CA LEU A 426 -7.54 24.49 7.29
C LEU A 426 -6.75 25.79 7.42
N SER A 427 -6.41 26.36 6.26
CA SER A 427 -5.77 27.67 6.21
C SER A 427 -6.15 28.36 4.91
N VAL A 428 -6.91 29.45 5.00
CA VAL A 428 -7.27 30.26 3.84
C VAL A 428 -6.56 31.61 4.00
N ARG A 429 -5.81 31.99 2.97
CA ARG A 429 -5.02 33.22 3.01
C ARG A 429 -5.22 34.02 1.72
N PHE A 430 -5.39 35.32 1.87
CA PHE A 430 -5.53 36.18 0.70
C PHE A 430 -4.21 36.25 -0.05
N MET A 431 -4.25 36.00 -1.36
CA MET A 431 -3.01 35.97 -2.14
C MET A 431 -2.71 37.31 -2.78
N ASN A 432 -3.60 37.79 -3.63
CA ASN A 432 -3.43 39.05 -4.35
C ASN A 432 -4.72 39.33 -5.10
N ILE A 433 -4.81 40.52 -5.67
CA ILE A 433 -5.90 40.90 -6.56
C ILE A 433 -5.30 41.20 -7.93
N ASP A 434 -5.80 40.51 -8.95
CA ASP A 434 -5.23 40.63 -10.29
C ASP A 434 -5.63 41.96 -10.91
N GLU A 435 -4.99 42.28 -12.04
CA GLU A 435 -5.36 43.47 -12.78
C GLU A 435 -6.79 43.42 -13.29
N LYS A 436 -7.33 42.21 -13.49
CA LYS A 436 -8.71 42.02 -13.91
C LYS A 436 -9.68 42.00 -12.74
N ALA A 437 -9.29 42.51 -11.57
CA ALA A 437 -10.16 42.62 -10.40
C ALA A 437 -10.70 41.26 -9.96
N ILE A 438 -9.80 40.28 -9.89
CA ILE A 438 -10.14 38.94 -9.42
C ILE A 438 -9.32 38.67 -8.17
N ILE A 439 -10.00 38.50 -7.04
CA ILE A 439 -9.34 38.16 -5.78
C ILE A 439 -8.97 36.68 -5.77
N SER A 440 -7.77 36.38 -5.30
CA SER A 440 -7.29 35.00 -5.20
C SER A 440 -7.15 34.63 -3.73
N TYR A 441 -7.62 33.45 -3.37
CA TYR A 441 -7.45 32.91 -2.03
C TYR A 441 -6.73 31.58 -2.13
N LEU A 442 -5.86 31.30 -1.16
CA LEU A 442 -5.14 30.05 -1.08
C LEU A 442 -5.73 29.23 0.06
N VAL A 443 -6.33 28.09 -0.28
CA VAL A 443 -6.91 27.17 0.69
C VAL A 443 -6.00 25.95 0.79
N SER A 444 -5.47 25.71 1.99
CA SER A 444 -4.46 24.67 2.20
C SER A 444 -4.83 23.84 3.41
N THR A 445 -4.53 22.55 3.32
CA THR A 445 -4.63 21.64 4.46
C THR A 445 -3.47 20.64 4.41
N TYR A 446 -2.98 20.28 5.60
CA TYR A 446 -1.84 19.38 5.74
C TYR A 446 -2.27 18.09 6.43
N TYR A 447 -1.94 16.96 5.81
CA TYR A 447 -2.42 15.66 6.28
C TYR A 447 -1.44 14.57 5.88
N SER A 448 -1.51 13.46 6.61
CA SER A 448 -0.76 12.24 6.28
C SER A 448 -1.33 11.10 7.10
N ALA A 449 -0.87 9.88 6.82
CA ALA A 449 -1.31 8.69 7.53
C ALA A 449 -0.10 7.90 8.01
N ALA A 450 -0.20 7.34 9.21
CA ALA A 450 0.87 6.54 9.78
C ALA A 450 0.31 5.19 10.23
N ILE A 451 1.07 4.13 10.01
CA ILE A 451 0.72 2.78 10.45
C ILE A 451 1.78 2.33 11.45
N LEU A 452 1.40 2.29 12.73
CA LEU A 452 2.39 2.07 13.78
C LEU A 452 3.02 0.69 13.71
N VAL A 453 2.21 -0.34 13.47
CA VAL A 453 2.73 -1.72 13.40
C VAL A 453 2.30 -2.35 12.08
N PRO A 454 3.07 -3.29 11.54
CA PRO A 454 2.70 -3.89 10.25
C PRO A 454 1.34 -4.57 10.25
N ASP A 455 0.96 -5.20 11.37
CA ASP A 455 -0.28 -5.98 11.45
C ASP A 455 -1.49 -5.13 11.88
N ALA A 456 -1.62 -3.96 11.27
CA ALA A 456 -2.75 -3.08 11.56
C ALA A 456 -3.71 -2.90 10.40
N VAL A 457 -3.28 -3.13 9.17
CA VAL A 457 -4.15 -3.08 8.00
C VAL A 457 -3.98 -4.36 7.20
N GLY A 458 -5.09 -5.06 7.00
CA GLY A 458 -5.09 -6.23 6.13
C GLY A 458 -5.95 -5.95 4.91
N VAL A 459 -5.52 -6.47 3.76
CA VAL A 459 -6.19 -6.22 2.49
C VAL A 459 -6.55 -7.55 1.85
N LEU A 460 -7.82 -7.72 1.52
CA LEU A 460 -8.31 -8.84 0.74
C LEU A 460 -8.43 -8.40 -0.72
N GLU A 461 -7.68 -9.03 -1.60
CA GLU A 461 -7.52 -8.55 -2.97
C GLU A 461 -8.23 -9.45 -3.97
N ASN A 462 -8.42 -8.90 -5.18
CA ASN A 462 -9.04 -9.62 -6.30
C ASN A 462 -10.41 -10.16 -5.94
N VAL A 463 -11.21 -9.33 -5.28
CA VAL A 463 -12.56 -9.70 -4.86
C VAL A 463 -13.52 -9.47 -6.02
N GLN A 464 -14.05 -10.56 -6.58
CA GLN A 464 -15.00 -10.44 -7.67
C GLN A 464 -16.35 -9.94 -7.16
N ILE A 465 -16.77 -8.78 -7.65
CA ILE A 465 -17.96 -8.09 -7.16
C ILE A 465 -19.09 -8.13 -8.17
N ALA A 466 -18.92 -8.84 -9.29
CA ALA A 466 -19.95 -8.93 -10.32
C ALA A 466 -20.45 -10.37 -10.49
N ASN A 467 -20.60 -11.08 -9.38
CA ASN A 467 -21.07 -12.46 -9.38
C ASN A 467 -22.51 -12.50 -8.91
N TRP A 468 -23.37 -13.17 -9.68
CA TRP A 468 -24.79 -13.28 -9.33
C TRP A 468 -25.22 -14.73 -9.33
N PRO A 469 -26.24 -15.06 -8.53
CA PRO A 469 -26.75 -16.44 -8.50
C PRO A 469 -27.28 -16.88 -9.86
N ARG A 470 -27.02 -18.14 -10.19
CA ARG A 470 -27.45 -18.69 -11.47
C ARG A 470 -28.07 -20.08 -11.29
CA CA B . 14.50 -15.59 5.86
#